data_4YG1
#
_entry.id   4YG1
#
_cell.length_a   293.887
_cell.length_b   54.460
_cell.length_c   47.665
_cell.angle_alpha   90.000
_cell.angle_beta   90.000
_cell.angle_gamma   90.000
#
_symmetry.space_group_name_H-M   'P 21 21 2'
#
loop_
_entity.id
_entity.type
_entity.pdbx_description
1 polymer 'Antitoxin HipB'
2 polymer 'DNA (48-MER)'
3 polymer 'DNA (48-MER)'
#
loop_
_entity_poly.entity_id
_entity_poly.type
_entity_poly.pdbx_seq_one_letter_code
_entity_poly.pdbx_strand_id
1 'polypeptide(L)' MMSFQKIYSPTQLANAMKLVRQQNGWTQSELAKKIGIKQATISNFENNPDNTTLTTFFKILQSLELSMTLCD A,B,C,D
2 'polydeoxyribonucleotide'
;(DT)(DT)(DA)(DT)(DC)(DC)(DG)(DC)(DT)(DT)(DA)(DA)(DG)(DG)(DG)(DG)(DA)(DT)(DA)(DT)
(DT)(DA)(DT)(DA)(DA)(DG)(DT)(DT)(DT)(DT)(DA)(DT)(DC)(DC)(DT)(DT)(DT)(DA)(DG)(DT)
(DG)(DA)(DG)(DG)(DA)(DT)(DA)(DA)
;
F
3 'polydeoxyribonucleotide'
;(DT)(DT)(DA)(DT)(DC)(DC)(DT)(DC)(DA)(DC)(DT)(DA)(DA)(DA)(DG)(DG)(DA)(DT)(DA)(DA)
(DA)(DA)(DC)(DT)(DT)(DA)(DT)(DA)(DA)(DT)(DA)(DT)(DC)(DC)(DC)(DC)(DT)(DT)(DA)(DA)
(DG)(DC)(DG)(DG)(DA)(DT)(DA)(DA)
;
T
#
loop_
_chem_comp.id
_chem_comp.type
_chem_comp.name
_chem_comp.formula
DA DNA linking 2'-DEOXYADENOSINE-5'-MONOPHOSPHATE 'C10 H14 N5 O6 P'
DC DNA linking 2'-DEOXYCYTIDINE-5'-MONOPHOSPHATE 'C9 H14 N3 O7 P'
DG DNA linking 2'-DEOXYGUANOSINE-5'-MONOPHOSPHATE 'C10 H14 N5 O7 P'
DT DNA linking THYMIDINE-5'-MONOPHOSPHATE 'C10 H15 N2 O8 P'
#
# COMPACT_ATOMS: atom_id res chain seq x y z
N MET A 1 -8.03 25.11 -9.14
CA MET A 1 -8.26 23.65 -8.89
C MET A 1 -9.33 23.08 -9.83
N MET A 2 -10.07 23.98 -10.48
CA MET A 2 -11.15 23.61 -11.39
C MET A 2 -11.02 24.27 -12.78
N SER A 3 -10.39 23.56 -13.71
CA SER A 3 -10.20 24.05 -15.07
C SER A 3 -9.65 22.94 -15.95
N PHE A 4 -9.93 23.00 -17.24
CA PHE A 4 -9.44 21.96 -18.14
C PHE A 4 -8.51 22.49 -19.21
N GLN A 5 -7.46 21.73 -19.46
CA GLN A 5 -6.47 22.03 -20.47
C GLN A 5 -7.12 21.73 -21.82
N LYS A 6 -6.30 21.48 -22.82
CA LYS A 6 -6.78 21.16 -24.14
C LYS A 6 -6.55 19.66 -24.37
N ILE A 7 -7.57 18.96 -24.85
CA ILE A 7 -7.44 17.54 -25.10
C ILE A 7 -6.97 17.32 -26.54
N TYR A 8 -5.88 16.59 -26.69
CA TYR A 8 -5.33 16.33 -28.03
C TYR A 8 -5.47 14.92 -28.59
N SER A 9 -5.73 13.95 -27.71
CA SER A 9 -5.85 12.54 -28.06
C SER A 9 -7.21 12.02 -27.66
N PRO A 10 -7.58 10.84 -28.15
CA PRO A 10 -8.86 10.29 -27.80
C PRO A 10 -8.84 9.73 -26.36
N THR A 11 -7.68 9.28 -25.87
CA THR A 11 -7.49 8.81 -24.50
C THR A 11 -7.66 10.02 -23.53
N GLN A 12 -6.85 11.09 -23.73
CA GLN A 12 -6.90 12.32 -22.92
C GLN A 12 -8.33 12.76 -22.64
N LEU A 13 -9.09 12.88 -23.72
CA LEU A 13 -10.51 13.24 -23.65
C LEU A 13 -11.28 12.19 -22.84
N ALA A 14 -11.00 10.90 -23.10
CA ALA A 14 -11.65 9.79 -22.42
C ALA A 14 -11.43 9.81 -20.91
N ASN A 15 -10.17 9.99 -20.50
CA ASN A 15 -9.83 10.02 -19.08
C ASN A 15 -10.28 11.32 -18.44
N ALA A 16 -10.31 12.38 -19.24
CA ALA A 16 -10.75 13.68 -18.77
C ALA A 16 -12.17 13.59 -18.30
N MET A 17 -12.97 12.76 -18.97
CA MET A 17 -14.39 12.55 -18.63
C MET A 17 -14.54 11.55 -17.48
N LYS A 18 -13.75 10.49 -17.52
CA LYS A 18 -13.79 9.49 -16.47
C LYS A 18 -13.57 10.23 -15.13
N LEU A 19 -12.84 11.34 -15.20
CA LEU A 19 -12.53 12.19 -14.01
C LEU A 19 -13.72 13.01 -13.55
N VAL A 20 -14.46 13.59 -14.51
CA VAL A 20 -15.65 14.38 -14.22
C VAL A 20 -16.78 13.44 -13.73
N ARG A 21 -16.79 12.21 -14.24
CA ARG A 21 -17.78 11.23 -13.85
C ARG A 21 -17.61 10.89 -12.38
N GLN A 22 -16.37 10.58 -12.00
CA GLN A 22 -16.12 10.24 -10.60
C GLN A 22 -16.22 11.43 -9.63
N GLN A 23 -15.75 12.59 -10.09
CA GLN A 23 -15.81 13.77 -9.25
C GLN A 23 -17.24 14.14 -8.95
N ASN A 24 -18.19 13.46 -9.60
CA ASN A 24 -19.60 13.72 -9.35
C ASN A 24 -20.27 12.53 -8.70
N GLY A 25 -19.49 11.48 -8.49
CA GLY A 25 -19.98 10.29 -7.82
C GLY A 25 -20.97 9.50 -8.63
N TRP A 26 -20.82 9.55 -9.95
CA TRP A 26 -21.73 8.81 -10.80
C TRP A 26 -21.16 7.47 -11.24
N THR A 27 -21.95 6.41 -11.11
CA THR A 27 -21.52 5.07 -11.55
C THR A 27 -21.76 4.89 -13.04
N GLN A 28 -20.95 4.05 -13.68
CA GLN A 28 -21.10 3.84 -15.12
C GLN A 28 -22.51 3.39 -15.45
N SER A 29 -23.16 2.77 -14.48
CA SER A 29 -24.49 2.23 -14.68
C SER A 29 -25.66 3.23 -14.69
N GLU A 30 -25.63 4.23 -13.83
CA GLU A 30 -26.72 5.19 -13.82
C GLU A 30 -26.64 6.12 -15.04
N LEU A 31 -25.43 6.51 -15.43
CA LEU A 31 -25.23 7.36 -16.61
C LEU A 31 -25.77 6.67 -17.82
N ALA A 32 -25.40 5.39 -17.96
CA ALA A 32 -25.82 4.50 -19.06
C ALA A 32 -27.34 4.37 -19.15
N LYS A 33 -27.97 4.15 -18.01
CA LYS A 33 -29.42 4.04 -17.92
C LYS A 33 -30.03 5.35 -18.42
N LYS A 34 -29.48 6.49 -18.01
CA LYS A 34 -29.98 7.79 -18.45
C LYS A 34 -30.09 7.91 -19.97
N ILE A 35 -28.96 7.70 -20.65
CA ILE A 35 -28.90 7.84 -22.11
C ILE A 35 -29.30 6.64 -22.98
N GLY A 36 -29.79 5.57 -22.35
CA GLY A 36 -30.25 4.37 -23.06
C GLY A 36 -29.18 3.54 -23.70
N ILE A 37 -27.99 3.51 -23.09
CA ILE A 37 -26.89 2.70 -23.62
C ILE A 37 -26.46 1.78 -22.52
N LYS A 38 -25.63 0.82 -22.89
CA LYS A 38 -25.15 -0.13 -21.92
C LYS A 38 -23.93 0.39 -21.15
N GLN A 39 -23.84 -0.04 -19.91
CA GLN A 39 -22.73 0.32 -19.06
C GLN A 39 -21.47 -0.28 -19.66
N ALA A 40 -21.64 -1.40 -20.35
CA ALA A 40 -20.53 -2.11 -20.98
C ALA A 40 -19.82 -1.21 -22.00
N THR A 41 -20.60 -0.26 -22.53
CA THR A 41 -20.15 0.68 -23.52
C THR A 41 -19.46 1.88 -22.81
N ILE A 42 -20.09 2.40 -21.76
CA ILE A 42 -19.47 3.49 -21.03
C ILE A 42 -18.07 3.02 -20.68
N SER A 43 -18.00 1.77 -20.19
CA SER A 43 -16.75 1.13 -19.78
C SER A 43 -15.63 1.18 -20.85
N ASN A 44 -15.88 0.51 -21.98
CA ASN A 44 -14.90 0.47 -23.07
C ASN A 44 -14.51 1.88 -23.52
N PHE A 45 -15.37 2.86 -23.30
CA PHE A 45 -15.07 4.23 -23.69
C PHE A 45 -13.87 4.81 -22.87
N GLU A 46 -13.93 4.72 -21.55
CA GLU A 46 -12.84 5.26 -20.72
C GLU A 46 -11.58 4.44 -20.90
N ASN A 47 -11.75 3.21 -21.39
CA ASN A 47 -10.66 2.22 -21.61
C ASN A 47 -10.09 2.22 -23.03
N ASN A 48 -10.92 1.81 -23.99
CA ASN A 48 -10.52 1.76 -25.39
C ASN A 48 -11.31 2.74 -26.25
N PRO A 49 -11.14 4.06 -25.98
CA PRO A 49 -11.80 5.16 -26.69
C PRO A 49 -11.39 5.37 -28.13
N ASP A 50 -10.25 4.82 -28.52
CA ASP A 50 -9.79 5.00 -29.89
C ASP A 50 -10.86 4.64 -30.90
N ASN A 51 -11.42 3.45 -30.78
CA ASN A 51 -12.43 3.05 -31.73
C ASN A 51 -13.89 3.34 -31.42
N THR A 52 -14.16 4.23 -30.46
CA THR A 52 -15.55 4.53 -30.12
C THR A 52 -16.15 5.54 -31.08
N THR A 53 -17.47 5.55 -31.21
CA THR A 53 -18.14 6.47 -32.12
C THR A 53 -18.60 7.80 -31.48
N LEU A 54 -18.54 8.90 -32.25
CA LEU A 54 -18.95 10.21 -31.77
C LEU A 54 -20.37 10.18 -31.16
N THR A 55 -21.30 9.46 -31.80
CA THR A 55 -22.66 9.36 -31.28
C THR A 55 -22.56 9.17 -29.79
N THR A 56 -21.93 8.06 -29.41
CA THR A 56 -21.73 7.63 -28.02
C THR A 56 -21.05 8.72 -27.21
N PHE A 57 -20.02 9.31 -27.83
CA PHE A 57 -19.22 10.35 -27.21
C PHE A 57 -20.06 11.53 -26.78
N PHE A 58 -20.95 11.98 -27.67
CA PHE A 58 -21.84 13.09 -27.35
C PHE A 58 -22.97 12.59 -26.46
N LYS A 59 -23.25 11.30 -26.49
CA LYS A 59 -24.29 10.78 -25.64
C LYS A 59 -23.78 10.85 -24.22
N ILE A 60 -22.52 10.45 -23.99
CA ILE A 60 -21.97 10.52 -22.62
C ILE A 60 -21.71 11.97 -22.19
N LEU A 61 -21.11 12.76 -23.09
CA LEU A 61 -20.80 14.17 -22.83
C LEU A 61 -22.03 14.87 -22.27
N GLN A 62 -23.17 14.55 -22.91
CA GLN A 62 -24.47 15.09 -22.54
C GLN A 62 -24.90 14.62 -21.16
N SER A 63 -25.08 13.32 -20.98
CA SER A 63 -25.47 12.84 -19.67
C SER A 63 -24.57 13.35 -18.51
N LEU A 64 -23.27 13.49 -18.77
CA LEU A 64 -22.31 13.99 -17.77
C LEU A 64 -22.57 15.46 -17.50
N GLU A 65 -23.40 16.03 -18.35
CA GLU A 65 -23.77 17.42 -18.23
C GLU A 65 -22.61 18.34 -18.56
N LEU A 66 -22.09 18.14 -19.75
CA LEU A 66 -20.99 18.92 -20.26
C LEU A 66 -21.24 19.21 -21.75
N SER A 67 -20.25 19.89 -22.31
CA SER A 67 -20.24 20.28 -23.71
C SER A 67 -18.81 20.57 -24.09
N MET A 68 -18.54 20.74 -25.38
CA MET A 68 -17.18 21.05 -25.76
C MET A 68 -17.16 22.19 -26.78
N THR A 69 -15.95 22.68 -27.10
CA THR A 69 -15.68 23.74 -28.12
C THR A 69 -14.35 23.46 -28.79
N LEU A 70 -13.98 24.25 -29.81
CA LEU A 70 -12.72 24.03 -30.51
C LEU A 70 -11.72 25.11 -30.18
N CYS A 71 -10.46 24.71 -30.09
CA CYS A 71 -9.39 25.63 -29.77
C CYS A 71 -8.42 25.82 -30.92
N ASP A 72 -7.69 26.92 -30.85
CA ASP A 72 -6.68 27.27 -31.84
C ASP A 72 -5.34 26.70 -31.41
N PHE B 4 -16.18 30.35 -31.47
CA PHE B 4 -16.55 28.90 -31.61
C PHE B 4 -17.44 28.55 -30.42
N GLN B 5 -18.69 28.22 -30.70
CA GLN B 5 -19.64 27.85 -29.65
C GLN B 5 -19.52 26.38 -29.31
N LYS B 6 -20.33 25.93 -28.37
CA LYS B 6 -20.32 24.54 -27.95
C LYS B 6 -21.01 23.69 -29.02
N ILE B 7 -20.61 22.42 -29.13
CA ILE B 7 -21.20 21.50 -30.09
C ILE B 7 -21.92 20.43 -29.26
N TYR B 8 -22.99 19.85 -29.76
CA TYR B 8 -23.69 18.82 -28.99
C TYR B 8 -24.11 17.63 -29.85
N SER B 9 -23.59 17.56 -31.07
CA SER B 9 -23.94 16.47 -31.98
C SER B 9 -22.81 16.23 -32.99
N PRO B 10 -22.71 15.00 -33.50
CA PRO B 10 -21.65 14.72 -34.47
C PRO B 10 -21.79 15.62 -35.70
N THR B 11 -23.01 16.09 -35.96
CA THR B 11 -23.24 16.96 -37.12
C THR B 11 -22.72 18.37 -36.88
N GLN B 12 -23.27 19.04 -35.87
CA GLN B 12 -22.85 20.39 -35.55
C GLN B 12 -21.33 20.41 -35.46
N LEU B 13 -20.77 19.32 -34.94
CA LEU B 13 -19.33 19.19 -34.79
C LEU B 13 -18.62 19.06 -36.12
N ALA B 14 -19.31 18.50 -37.10
CA ALA B 14 -18.71 18.34 -38.42
C ALA B 14 -18.80 19.61 -39.28
N ASN B 15 -20.01 20.18 -39.43
CA ASN B 15 -20.18 21.40 -40.21
C ASN B 15 -19.10 22.34 -39.73
N ALA B 16 -19.02 22.42 -38.41
CA ALA B 16 -18.04 23.23 -37.72
C ALA B 16 -16.63 23.02 -38.29
N MET B 17 -16.08 21.83 -38.13
CA MET B 17 -14.74 21.59 -38.62
C MET B 17 -14.58 21.74 -40.12
N LYS B 18 -15.65 21.50 -40.87
CA LYS B 18 -15.56 21.62 -42.31
C LYS B 18 -15.38 23.10 -42.64
N LEU B 19 -16.31 23.92 -42.13
CA LEU B 19 -16.27 25.37 -42.36
C LEU B 19 -14.87 25.85 -42.14
N VAL B 20 -14.14 25.15 -41.28
CA VAL B 20 -12.77 25.50 -40.99
C VAL B 20 -11.89 25.10 -42.16
N ARG B 21 -11.91 23.82 -42.50
CA ARG B 21 -11.10 23.35 -43.62
C ARG B 21 -11.33 24.23 -44.86
N GLN B 22 -12.59 24.57 -45.10
CA GLN B 22 -12.99 25.39 -46.23
C GLN B 22 -12.33 26.77 -46.26
N GLN B 23 -12.53 27.53 -45.18
CA GLN B 23 -11.97 28.88 -45.08
C GLN B 23 -10.46 28.94 -45.20
N ASN B 24 -9.81 27.79 -45.06
CA ASN B 24 -8.35 27.76 -45.11
C ASN B 24 -7.77 27.19 -46.41
N GLY B 25 -8.55 27.29 -47.49
CA GLY B 25 -8.13 26.82 -48.81
C GLY B 25 -7.67 25.38 -48.91
N TRP B 26 -8.00 24.59 -47.91
CA TRP B 26 -7.60 23.20 -47.92
C TRP B 26 -8.65 22.29 -48.59
N THR B 27 -8.20 21.16 -49.10
CA THR B 27 -9.12 20.24 -49.73
C THR B 27 -9.12 18.91 -48.96
N GLN B 28 -10.21 18.13 -49.07
CA GLN B 28 -10.34 16.85 -48.36
C GLN B 28 -9.33 15.83 -48.88
N SER B 29 -8.94 16.03 -50.14
CA SER B 29 -8.00 15.16 -50.80
C SER B 29 -6.56 15.41 -50.30
N GLU B 30 -6.29 16.63 -49.81
CA GLU B 30 -4.96 17.03 -49.29
C GLU B 30 -4.88 16.92 -47.78
N LEU B 31 -5.95 17.35 -47.10
CA LEU B 31 -5.97 17.26 -45.64
C LEU B 31 -5.69 15.81 -45.28
N ALA B 32 -6.30 14.92 -46.04
CA ALA B 32 -6.18 13.47 -45.83
C ALA B 32 -4.73 12.93 -45.90
N LYS B 33 -3.96 13.42 -46.89
CA LYS B 33 -2.58 12.96 -47.09
C LYS B 33 -1.73 13.18 -45.88
N LYS B 34 -1.67 14.42 -45.41
CA LYS B 34 -0.89 14.79 -44.24
C LYS B 34 -1.11 14.00 -42.95
N ILE B 35 -2.30 13.40 -42.77
CA ILE B 35 -2.56 12.61 -41.56
C ILE B 35 -2.83 11.12 -41.83
N GLY B 36 -2.56 10.69 -43.05
CA GLY B 36 -2.70 9.29 -43.42
C GLY B 36 -4.04 8.60 -43.35
N ILE B 37 -5.07 9.25 -43.86
CA ILE B 37 -6.41 8.66 -43.84
C ILE B 37 -7.04 8.80 -45.23
N LYS B 38 -7.83 7.80 -45.64
CA LYS B 38 -8.49 7.80 -46.96
C LYS B 38 -9.27 9.09 -47.20
N GLN B 39 -8.94 9.80 -48.28
CA GLN B 39 -9.66 11.03 -48.59
C GLN B 39 -11.15 10.85 -48.36
N ALA B 40 -11.65 9.67 -48.73
CA ALA B 40 -13.05 9.37 -48.57
C ALA B 40 -13.48 9.60 -47.13
N THR B 41 -12.71 9.05 -46.20
CA THR B 41 -12.98 9.15 -44.78
C THR B 41 -13.39 10.54 -44.29
N ILE B 42 -12.78 11.57 -44.89
CA ILE B 42 -13.08 12.96 -44.56
C ILE B 42 -14.46 13.30 -45.11
N SER B 43 -14.77 12.73 -46.27
CA SER B 43 -16.06 12.98 -46.88
C SER B 43 -17.19 12.48 -45.97
N ASN B 44 -17.01 11.33 -45.30
CA ASN B 44 -18.03 10.78 -44.40
C ASN B 44 -18.05 11.57 -43.10
N PHE B 45 -16.88 11.98 -42.63
CA PHE B 45 -16.77 12.73 -41.38
C PHE B 45 -17.65 13.96 -41.43
N GLU B 46 -17.65 14.65 -42.56
CA GLU B 46 -18.47 15.85 -42.70
C GLU B 46 -19.94 15.49 -43.00
N ASN B 47 -20.17 14.66 -44.02
CA ASN B 47 -21.52 14.26 -44.47
C ASN B 47 -22.31 13.32 -43.55
N ASN B 48 -21.61 12.46 -42.84
CA ASN B 48 -22.21 11.50 -41.95
C ASN B 48 -21.21 11.26 -40.83
N PRO B 49 -21.23 12.09 -39.79
CA PRO B 49 -20.27 11.85 -38.72
C PRO B 49 -20.75 10.91 -37.63
N ASP B 50 -22.03 10.61 -37.59
CA ASP B 50 -22.53 9.75 -36.51
C ASP B 50 -21.78 8.48 -36.15
N ASN B 51 -21.32 7.71 -37.13
CA ASN B 51 -20.61 6.49 -36.78
C ASN B 51 -19.10 6.56 -37.00
N THR B 52 -18.61 7.78 -37.09
CA THR B 52 -17.20 7.98 -37.29
C THR B 52 -16.50 7.54 -36.02
N THR B 53 -15.17 7.50 -36.07
CA THR B 53 -14.37 7.05 -34.95
C THR B 53 -13.51 8.18 -34.30
N LEU B 54 -13.62 8.33 -32.96
CA LEU B 54 -12.85 9.34 -32.20
C LEU B 54 -11.40 9.48 -32.71
N THR B 55 -10.71 8.37 -32.99
CA THR B 55 -9.36 8.45 -33.52
C THR B 55 -9.36 9.39 -34.69
N THR B 56 -10.04 8.95 -35.73
CA THR B 56 -10.10 9.80 -36.88
C THR B 56 -10.52 11.20 -36.48
N PHE B 57 -11.47 11.28 -35.57
CA PHE B 57 -11.98 12.55 -35.13
C PHE B 57 -10.87 13.45 -34.68
N PHE B 58 -9.93 12.90 -33.92
CA PHE B 58 -8.80 13.69 -33.43
C PHE B 58 -7.64 13.67 -34.46
N LYS B 59 -7.78 12.90 -35.54
CA LYS B 59 -6.75 12.84 -36.59
C LYS B 59 -6.98 14.07 -37.47
N ILE B 60 -8.22 14.26 -37.92
CA ILE B 60 -8.56 15.41 -38.75
C ILE B 60 -8.53 16.71 -37.90
N LEU B 61 -8.85 16.60 -36.62
CA LEU B 61 -8.86 17.76 -35.74
C LEU B 61 -7.46 18.31 -35.70
N GLN B 62 -6.53 17.49 -35.22
CA GLN B 62 -5.14 17.91 -35.13
C GLN B 62 -4.60 18.23 -36.53
N SER B 63 -5.33 17.80 -37.55
CA SER B 63 -4.92 18.07 -38.93
C SER B 63 -5.25 19.51 -39.33
N LEU B 64 -6.36 20.04 -38.82
CA LEU B 64 -6.74 21.41 -39.11
C LEU B 64 -5.99 22.27 -38.09
N GLU B 65 -4.99 21.64 -37.45
CA GLU B 65 -4.15 22.25 -36.42
C GLU B 65 -4.97 23.02 -35.40
N LEU B 66 -5.86 22.29 -34.74
CA LEU B 66 -6.76 22.79 -33.70
C LEU B 66 -6.76 21.79 -32.53
N SER B 67 -7.52 22.12 -31.48
CA SER B 67 -7.63 21.25 -30.31
C SER B 67 -9.06 21.32 -29.78
N MET B 68 -9.42 20.41 -28.87
CA MET B 68 -10.78 20.44 -28.32
C MET B 68 -10.79 20.41 -26.80
N THR B 69 -11.20 21.52 -26.19
CA THR B 69 -11.26 21.63 -24.72
C THR B 69 -12.70 21.54 -24.22
N LEU B 70 -12.94 20.80 -23.15
CA LEU B 70 -14.29 20.67 -22.59
C LEU B 70 -14.77 22.00 -22.01
N CYS B 71 -16.06 22.08 -21.74
CA CYS B 71 -16.68 23.26 -21.16
C CYS B 71 -17.74 22.78 -20.18
N ASP B 72 -17.93 23.54 -19.11
CA ASP B 72 -18.92 23.18 -18.10
C ASP B 72 -20.32 23.30 -18.69
N PHE C 4 15.62 -23.55 17.62
CA PHE C 4 15.65 -22.05 17.47
C PHE C 4 17.08 -21.48 17.47
N GLN C 5 17.26 -20.31 16.86
CA GLN C 5 18.57 -19.69 16.79
C GLN C 5 19.03 -19.20 18.16
N LYS C 6 20.04 -18.32 18.20
CA LYS C 6 20.51 -17.78 19.47
C LYS C 6 19.95 -16.38 19.67
N ILE C 7 19.61 -16.07 20.93
CA ILE C 7 19.07 -14.77 21.30
C ILE C 7 20.17 -14.00 22.07
N TYR C 8 20.39 -12.72 21.75
CA TYR C 8 21.42 -11.90 22.41
C TYR C 8 20.91 -10.62 23.09
N SER C 9 19.71 -10.18 22.72
CA SER C 9 19.09 -8.97 23.28
C SER C 9 17.56 -9.11 23.46
N PRO C 10 16.99 -8.47 24.50
CA PRO C 10 15.56 -8.57 24.73
C PRO C 10 14.65 -8.40 23.54
N THR C 11 14.94 -7.42 22.71
CA THR C 11 14.12 -7.20 21.55
C THR C 11 13.94 -8.47 20.71
N GLN C 12 15.04 -9.12 20.30
CA GLN C 12 14.93 -10.29 19.43
C GLN C 12 14.35 -11.47 20.11
N LEU C 13 14.47 -11.45 21.43
CA LEU C 13 13.94 -12.49 22.28
C LEU C 13 12.42 -12.44 22.18
N ALA C 14 11.89 -11.25 21.97
CA ALA C 14 10.45 -11.05 21.85
C ALA C 14 9.96 -11.34 20.44
N ASN C 15 10.84 -11.24 19.45
CA ASN C 15 10.44 -11.53 18.09
C ASN C 15 10.26 -13.04 17.97
N ALA C 16 11.22 -13.78 18.49
CA ALA C 16 11.15 -15.23 18.44
C ALA C 16 9.79 -15.73 19.01
N MET C 17 9.48 -15.30 20.23
CA MET C 17 8.24 -15.66 20.91
C MET C 17 7.00 -15.14 20.17
N LYS C 18 7.16 -14.03 19.47
CA LYS C 18 6.05 -13.46 18.70
C LYS C 18 5.89 -14.42 17.53
N LEU C 19 6.97 -14.57 16.76
CA LEU C 19 6.99 -15.43 15.58
C LEU C 19 6.37 -16.79 15.82
N VAL C 20 6.55 -17.31 17.03
CA VAL C 20 6.01 -18.60 17.40
C VAL C 20 4.52 -18.48 17.72
N ARG C 21 4.15 -17.40 18.39
CA ARG C 21 2.77 -17.20 18.77
C ARG C 21 1.87 -17.17 17.55
N GLN C 22 2.38 -16.60 16.47
CA GLN C 22 1.62 -16.52 15.25
C GLN C 22 1.53 -17.91 14.62
N GLN C 23 2.67 -18.58 14.47
CA GLN C 23 2.73 -19.90 13.83
C GLN C 23 1.68 -20.83 14.40
N ASN C 24 1.54 -20.84 15.72
CA ASN C 24 0.54 -21.73 16.32
C ASN C 24 -0.88 -21.22 16.19
N GLY C 25 -1.06 -20.08 15.53
CA GLY C 25 -2.38 -19.52 15.36
C GLY C 25 -3.05 -19.15 16.68
N TRP C 26 -2.27 -18.68 17.65
CA TRP C 26 -2.82 -18.28 18.93
C TRP C 26 -2.88 -16.78 19.01
N THR C 27 -3.86 -16.28 19.75
CA THR C 27 -4.05 -14.85 19.91
C THR C 27 -3.63 -14.36 21.29
N GLN C 28 -3.28 -13.09 21.38
CA GLN C 28 -2.86 -12.48 22.64
C GLN C 28 -3.88 -12.66 23.77
N SER C 29 -5.16 -12.71 23.42
CA SER C 29 -6.23 -12.87 24.40
C SER C 29 -6.41 -14.30 24.89
N GLU C 30 -6.33 -15.28 23.98
CA GLU C 30 -6.50 -16.68 24.35
C GLU C 30 -5.32 -17.20 25.19
N LEU C 31 -4.19 -16.50 25.14
CA LEU C 31 -3.01 -16.91 25.90
C LEU C 31 -2.78 -16.02 27.11
N ALA C 32 -3.50 -14.91 27.19
CA ALA C 32 -3.37 -14.00 28.34
C ALA C 32 -4.26 -14.53 29.47
N LYS C 33 -5.19 -15.41 29.12
CA LYS C 33 -6.09 -16.00 30.10
C LYS C 33 -5.57 -17.36 30.57
N LYS C 34 -4.65 -17.95 29.81
CA LYS C 34 -4.14 -19.26 30.19
C LYS C 34 -3.16 -19.09 31.35
N ILE C 35 -2.58 -17.88 31.44
CA ILE C 35 -1.65 -17.57 32.53
C ILE C 35 -2.18 -16.45 33.44
N GLY C 36 -3.44 -16.10 33.23
CA GLY C 36 -4.08 -15.08 34.04
C GLY C 36 -3.22 -13.85 34.16
N ILE C 37 -3.01 -13.15 33.05
CA ILE C 37 -2.21 -11.93 33.04
C ILE C 37 -2.94 -10.87 32.20
N LYS C 38 -2.46 -9.61 32.24
CA LYS C 38 -3.12 -8.55 31.48
C LYS C 38 -2.81 -8.57 29.98
N GLN C 39 -3.84 -8.37 29.17
CA GLN C 39 -3.73 -8.37 27.71
C GLN C 39 -2.82 -7.26 27.20
N ALA C 40 -2.78 -6.15 27.93
CA ALA C 40 -1.95 -5.03 27.54
C ALA C 40 -0.49 -5.28 27.94
N THR C 41 -0.25 -6.40 28.64
CA THR C 41 1.10 -6.76 29.06
C THR C 41 1.79 -7.52 27.93
N ILE C 42 1.09 -8.50 27.36
CA ILE C 42 1.66 -9.25 26.26
C ILE C 42 1.97 -8.28 25.13
N SER C 43 1.23 -7.18 25.09
CA SER C 43 1.44 -6.19 24.06
C SER C 43 2.72 -5.41 24.26
N ASN C 44 2.83 -4.73 25.41
CA ASN C 44 4.00 -3.93 25.71
C ASN C 44 5.22 -4.83 25.69
N PHE C 45 5.02 -6.09 26.06
CA PHE C 45 6.10 -7.07 26.05
C PHE C 45 6.72 -7.16 24.65
N GLU C 46 5.92 -7.57 23.66
CA GLU C 46 6.40 -7.73 22.29
C GLU C 46 6.99 -6.44 21.72
N ASN C 47 6.37 -5.30 22.04
CA ASN C 47 6.89 -4.03 21.51
C ASN C 47 8.00 -3.37 22.31
N ASN C 48 7.91 -3.38 23.64
CA ASN C 48 8.94 -2.78 24.48
C ASN C 48 9.42 -3.75 25.55
N PRO C 49 9.97 -4.89 25.13
CA PRO C 49 10.44 -5.90 26.09
C PRO C 49 11.65 -5.51 26.96
N ASP C 50 12.37 -4.47 26.59
CA ASP C 50 13.56 -4.08 27.33
C ASP C 50 13.46 -3.93 28.83
N ASN C 51 12.31 -3.53 29.34
CA ASN C 51 12.19 -3.38 30.78
C ASN C 51 11.14 -4.26 31.40
N THR C 52 10.83 -5.37 30.74
CA THR C 52 9.81 -6.32 31.20
C THR C 52 10.34 -7.24 32.32
N THR C 53 9.49 -7.53 33.29
CA THR C 53 9.88 -8.37 34.40
C THR C 53 10.21 -9.78 33.92
N LEU C 54 11.11 -10.47 34.61
CA LEU C 54 11.44 -11.83 34.22
C LEU C 54 10.32 -12.79 34.64
N THR C 55 9.48 -12.41 35.60
CA THR C 55 8.38 -13.29 35.99
C THR C 55 7.42 -13.40 34.83
N THR C 56 6.89 -12.25 34.37
CA THR C 56 5.94 -12.30 33.25
C THR C 56 6.61 -12.97 32.06
N PHE C 57 7.88 -12.67 31.80
CA PHE C 57 8.53 -13.30 30.68
C PHE C 57 8.30 -14.81 30.71
N PHE C 58 8.66 -15.46 31.82
CA PHE C 58 8.49 -16.90 31.94
C PHE C 58 7.05 -17.40 31.93
N LYS C 59 6.11 -16.55 32.35
CA LYS C 59 4.69 -16.91 32.36
C LYS C 59 4.25 -16.94 30.91
N ILE C 60 4.86 -16.05 30.12
CA ILE C 60 4.60 -15.94 28.69
C ILE C 60 5.27 -17.13 27.99
N LEU C 61 6.54 -17.39 28.30
CA LEU C 61 7.28 -18.48 27.70
C LEU C 61 6.55 -19.81 27.83
N GLN C 62 6.09 -20.12 29.03
CA GLN C 62 5.40 -21.38 29.24
C GLN C 62 4.02 -21.36 28.60
N SER C 63 3.56 -20.16 28.22
CA SER C 63 2.25 -20.00 27.56
C SER C 63 2.33 -20.60 26.16
N LEU C 64 3.47 -20.38 25.52
CA LEU C 64 3.70 -20.85 24.17
C LEU C 64 4.13 -22.31 24.13
N GLU C 65 4.22 -22.93 25.29
CA GLU C 65 4.62 -24.33 25.39
C GLU C 65 6.03 -24.58 24.85
N LEU C 66 6.97 -23.83 25.40
CA LEU C 66 8.38 -23.95 25.06
C LEU C 66 9.20 -23.75 26.35
N SER C 67 10.52 -23.75 26.25
CA SER C 67 11.36 -23.58 27.42
C SER C 67 12.71 -22.93 27.08
N MET C 68 13.07 -21.90 27.82
CA MET C 68 14.31 -21.16 27.63
C MET C 68 15.53 -21.94 28.14
N THR C 69 16.67 -21.77 27.46
CA THR C 69 17.92 -22.50 27.80
C THR C 69 19.22 -21.71 27.59
N LEU C 70 20.14 -21.81 28.55
CA LEU C 70 21.41 -21.11 28.47
C LEU C 70 22.38 -21.84 27.55
N CYS C 71 23.41 -21.14 27.11
CA CYS C 71 24.43 -21.73 26.23
C CYS C 71 25.53 -20.73 25.96
N ASP C 72 26.39 -21.00 24.98
CA ASP C 72 27.57 -20.19 24.72
C ASP C 72 27.62 -19.20 23.57
N MET D 2 29.04 -30.15 27.17
CA MET D 2 29.21 -28.98 28.07
C MET D 2 28.07 -28.96 29.11
N SER D 3 27.02 -28.15 28.95
CA SER D 3 25.93 -28.15 29.95
C SER D 3 24.64 -27.36 29.66
N PHE D 4 23.58 -28.09 29.36
CA PHE D 4 22.30 -27.48 29.15
C PHE D 4 21.18 -28.28 29.87
N GLN D 5 20.29 -27.56 30.54
CA GLN D 5 19.11 -28.14 31.17
C GLN D 5 18.08 -27.11 30.81
N LYS D 6 16.83 -27.44 31.07
CA LYS D 6 15.79 -26.49 30.76
C LYS D 6 15.58 -25.60 31.99
N ILE D 7 15.39 -24.30 31.76
CA ILE D 7 15.10 -23.36 32.86
C ILE D 7 13.63 -22.97 32.67
N TYR D 8 12.87 -22.94 33.75
CA TYR D 8 11.47 -22.58 33.63
C TYR D 8 11.15 -21.39 34.50
N SER D 9 12.08 -21.00 35.36
CA SER D 9 11.84 -19.90 36.27
C SER D 9 13.06 -19.04 36.56
N PRO D 10 12.83 -17.77 36.92
CA PRO D 10 13.94 -16.86 37.22
C PRO D 10 14.71 -17.27 38.46
N THR D 11 14.04 -18.01 39.34
CA THR D 11 14.69 -18.45 40.56
C THR D 11 15.41 -19.75 40.28
N GLN D 12 15.28 -20.23 39.05
CA GLN D 12 15.89 -21.47 38.63
C GLN D 12 17.01 -21.05 37.70
N LEU D 13 16.69 -20.09 36.85
CA LEU D 13 17.63 -19.57 35.88
C LEU D 13 18.81 -18.80 36.52
N ALA D 14 18.53 -17.94 37.50
CA ALA D 14 19.55 -17.15 38.23
C ALA D 14 20.55 -18.09 38.88
N ASN D 15 20.04 -19.21 39.39
CA ASN D 15 20.85 -20.27 40.04
C ASN D 15 21.99 -20.63 39.11
N ALA D 16 21.61 -21.11 37.93
CA ALA D 16 22.57 -21.52 36.93
C ALA D 16 23.63 -20.45 36.57
N MET D 17 23.20 -19.20 36.39
CA MET D 17 24.10 -18.09 36.06
C MET D 17 25.09 -17.85 37.19
N LYS D 18 24.57 -17.83 38.43
CA LYS D 18 25.43 -17.64 39.59
C LYS D 18 26.45 -18.76 39.65
N LEU D 19 26.04 -19.93 39.16
CA LEU D 19 26.91 -21.12 39.15
C LEU D 19 28.00 -20.93 38.11
N VAL D 20 27.63 -20.34 36.98
CA VAL D 20 28.58 -20.11 35.90
C VAL D 20 29.65 -19.13 36.34
N ARG D 21 29.24 -17.99 36.94
CA ARG D 21 30.17 -16.94 37.43
C ARG D 21 31.12 -17.47 38.50
N GLN D 22 30.56 -18.32 39.36
CA GLN D 22 31.24 -19.00 40.46
C GLN D 22 32.33 -19.87 39.83
N GLN D 23 31.89 -20.82 39.01
CA GLN D 23 32.78 -21.74 38.32
C GLN D 23 33.97 -21.09 37.57
N ASN D 24 33.76 -19.95 36.91
CA ASN D 24 34.84 -19.26 36.18
C ASN D 24 35.52 -18.33 37.16
N GLY D 25 35.14 -18.49 38.42
CA GLY D 25 35.69 -17.70 39.49
C GLY D 25 35.64 -16.21 39.22
N TRP D 26 34.49 -15.72 38.79
CA TRP D 26 34.37 -14.29 38.54
C TRP D 26 33.62 -13.59 39.67
N THR D 27 34.09 -12.40 40.05
CA THR D 27 33.41 -11.66 41.10
C THR D 27 32.40 -10.67 40.51
N GLN D 28 31.29 -10.47 41.21
CA GLN D 28 30.25 -9.55 40.75
C GLN D 28 30.85 -8.19 40.39
N SER D 29 31.71 -7.68 41.26
CA SER D 29 32.36 -6.39 41.06
C SER D 29 33.03 -6.24 39.71
N GLU D 30 33.55 -7.32 39.14
CA GLU D 30 34.19 -7.22 37.83
C GLU D 30 33.24 -7.40 36.64
N LEU D 31 32.09 -8.01 36.84
CA LEU D 31 31.15 -8.14 35.74
C LEU D 31 30.50 -6.77 35.56
N ALA D 32 30.18 -6.15 36.69
CA ALA D 32 29.55 -4.84 36.72
C ALA D 32 30.45 -3.72 36.12
N LYS D 33 31.70 -3.66 36.56
CA LYS D 33 32.62 -2.64 36.06
C LYS D 33 33.06 -3.00 34.64
N LYS D 34 32.52 -4.09 34.10
CA LYS D 34 32.88 -4.56 32.75
C LYS D 34 31.74 -4.43 31.74
N ILE D 35 30.50 -4.46 32.22
CA ILE D 35 29.37 -4.25 31.32
C ILE D 35 28.75 -2.86 31.55
N GLY D 36 29.14 -2.17 32.63
CA GLY D 36 28.62 -0.84 32.92
C GLY D 36 27.56 -0.65 34.02
N ILE D 37 27.18 -1.75 34.70
CA ILE D 37 26.16 -1.71 35.77
C ILE D 37 26.83 -1.77 37.16
N LYS D 38 26.08 -1.44 38.21
CA LYS D 38 26.61 -1.49 39.58
C LYS D 38 26.67 -2.90 40.14
N GLN D 39 27.68 -3.15 40.98
CA GLN D 39 27.86 -4.44 41.61
C GLN D 39 26.54 -4.88 42.25
N ALA D 40 25.89 -3.94 42.94
CA ALA D 40 24.62 -4.19 43.57
C ALA D 40 23.70 -4.87 42.56
N THR D 41 23.57 -4.28 41.38
CA THR D 41 22.70 -4.84 40.33
C THR D 41 22.87 -6.35 40.18
N ILE D 42 24.12 -6.76 40.05
CA ILE D 42 24.42 -8.17 39.92
C ILE D 42 23.93 -8.93 41.16
N SER D 43 24.21 -8.42 42.36
CA SER D 43 23.77 -9.08 43.57
C SER D 43 22.28 -9.11 43.76
N ASN D 44 21.59 -8.03 43.43
CA ASN D 44 20.15 -8.03 43.58
C ASN D 44 19.55 -9.04 42.59
N PHE D 45 20.14 -9.11 41.41
CA PHE D 45 19.67 -10.04 40.40
C PHE D 45 19.72 -11.46 40.93
N GLU D 46 20.91 -11.87 41.38
CA GLU D 46 21.14 -13.22 41.87
C GLU D 46 20.23 -13.68 43.02
N ASN D 47 19.93 -12.76 43.93
CA ASN D 47 19.09 -13.09 45.07
C ASN D 47 17.64 -12.67 44.84
N ASN D 48 17.43 -11.77 43.89
CA ASN D 48 16.08 -11.34 43.58
C ASN D 48 15.78 -11.36 42.10
N PRO D 49 15.79 -12.55 41.45
CA PRO D 49 15.54 -12.67 40.02
C PRO D 49 14.13 -12.32 39.46
N ASP D 50 13.09 -12.61 40.24
CA ASP D 50 11.72 -12.33 39.84
C ASP D 50 11.49 -11.01 39.19
N ASN D 51 11.91 -9.88 39.77
CA ASN D 51 11.70 -8.56 39.17
C ASN D 51 12.93 -7.78 38.65
N THR D 52 13.57 -8.31 37.61
CA THR D 52 14.73 -7.64 37.03
C THR D 52 14.41 -7.45 35.56
N THR D 53 14.93 -6.36 35.01
CA THR D 53 14.72 -5.99 33.63
C THR D 53 15.51 -6.87 32.67
N LEU D 54 14.85 -7.38 31.61
CA LEU D 54 15.47 -8.22 30.57
C LEU D 54 16.78 -7.65 30.00
N THR D 55 16.89 -6.32 29.94
CA THR D 55 18.10 -5.66 29.44
C THR D 55 19.24 -6.17 30.31
N THR D 56 19.02 -6.13 31.63
CA THR D 56 20.02 -6.61 32.57
C THR D 56 20.35 -8.11 32.33
N PHE D 57 19.32 -8.95 32.17
CA PHE D 57 19.51 -10.38 31.94
C PHE D 57 20.27 -10.72 30.66
N PHE D 58 20.02 -10.00 29.58
CA PHE D 58 20.77 -10.27 28.35
C PHE D 58 22.08 -9.54 28.39
N LYS D 59 22.24 -8.66 29.39
CA LYS D 59 23.46 -7.86 29.57
C LYS D 59 24.43 -8.65 30.41
N ILE D 60 23.90 -9.47 31.32
CA ILE D 60 24.76 -10.30 32.17
C ILE D 60 25.27 -11.51 31.37
N LEU D 61 24.41 -12.10 30.56
CA LEU D 61 24.84 -13.21 29.72
C LEU D 61 26.16 -12.82 29.07
N GLN D 62 26.20 -11.60 28.52
CA GLN D 62 27.41 -11.07 27.87
C GLN D 62 28.57 -11.24 28.83
N SER D 63 28.45 -10.64 30.02
CA SER D 63 29.47 -10.75 31.08
C SER D 63 29.99 -12.20 31.25
N LEU D 64 29.04 -13.12 31.47
CA LEU D 64 29.29 -14.54 31.66
C LEU D 64 29.77 -15.20 30.39
N GLU D 65 29.81 -14.45 29.30
CA GLU D 65 30.25 -14.96 28.00
C GLU D 65 29.46 -16.17 27.54
N LEU D 66 28.15 -15.97 27.45
CA LEU D 66 27.19 -16.97 27.02
C LEU D 66 25.91 -16.33 26.45
N SER D 67 25.14 -17.16 25.76
CA SER D 67 23.91 -16.75 25.12
C SER D 67 22.72 -17.65 25.45
N MET D 68 21.69 -17.59 24.63
CA MET D 68 20.54 -18.36 24.96
C MET D 68 19.64 -18.59 23.78
N THR D 69 18.89 -19.68 23.88
CA THR D 69 17.94 -20.13 22.85
C THR D 69 16.71 -20.66 23.56
N LEU D 70 15.60 -20.76 22.82
CA LEU D 70 14.36 -21.28 23.35
C LEU D 70 14.21 -22.68 22.75
N CYS D 71 13.22 -23.44 23.19
CA CYS D 71 12.94 -24.77 22.67
C CYS D 71 11.63 -25.22 23.28
N ASP D 72 10.99 -26.16 22.61
CA ASP D 72 9.68 -26.64 23.03
C ASP D 72 9.67 -27.26 24.42
#